data_5E2C
#
_entry.id   5E2C
#
_cell.length_a   51.684
_cell.length_b   60.202
_cell.length_c   96.268
_cell.angle_alpha   90.000
_cell.angle_beta   90.000
_cell.angle_gamma   90.000
#
_symmetry.space_group_name_H-M   'P 21 21 21'
#
loop_
_entity.id
_entity.type
_entity.pdbx_description
1 polymer 'Xaa-Pro dipeptidase'
2 water water
#
_entity_poly.entity_id   1
_entity_poly.type   'polypeptide(L)'
_entity_poly.pdbx_seq_one_letter_code
;SNARRDKLKAQIAASGLDA(MSE)LISDLINVRYLSGFSGSNGALLVFADERDAVLATDGRYRTQAASQAPDLEVAIERA
VGRYLAGRAGEAGVGKLGFESHVVTVDGLDALAGALEGKNTELVRASGTVESLREV
;
_entity_poly.pdbx_strand_id   A,B
#
# COMPACT_ATOMS: atom_id res chain seq x y z
N ASN A 2 -12.99 14.93 22.16
CA ASN A 2 -12.67 15.60 20.88
C ASN A 2 -13.83 15.42 19.89
N ALA A 3 -14.32 16.53 19.34
CA ALA A 3 -15.53 16.55 18.52
C ALA A 3 -15.36 15.74 17.24
N ARG A 4 -14.19 15.81 16.63
CA ARG A 4 -13.95 15.11 15.37
C ARG A 4 -13.90 13.63 15.65
N ARG A 5 -13.21 13.24 16.71
CA ARG A 5 -13.11 11.81 17.03
C ARG A 5 -14.49 11.28 17.40
N ASP A 6 -15.29 12.08 18.09
CA ASP A 6 -16.67 11.64 18.40
C ASP A 6 -17.52 11.46 17.14
N LYS A 7 -17.39 12.34 16.17
CA LYS A 7 -18.11 12.14 14.90
C LYS A 7 -17.62 10.86 14.22
N LEU A 8 -16.32 10.60 14.27
CA LEU A 8 -15.76 9.38 13.71
C LEU A 8 -16.34 8.14 14.38
N LYS A 9 -16.47 8.15 15.70
CA LYS A 9 -17.05 7.01 16.41
C LYS A 9 -18.42 6.65 15.88
N ALA A 10 -19.24 7.66 15.61
CA ALA A 10 -20.57 7.41 15.06
C ALA A 10 -20.47 6.71 13.70
N GLN A 11 -19.53 7.14 12.87
CA GLN A 11 -19.36 6.50 11.56
C GLN A 11 -18.76 5.09 11.66
N ILE A 12 -17.84 4.90 12.59
CA ILE A 12 -17.27 3.59 12.84
C ILE A 12 -18.43 2.63 13.17
N ALA A 13 -19.30 3.04 14.09
CA ALA A 13 -20.40 2.19 14.53
C ALA A 13 -21.37 1.94 13.39
N ALA A 14 -21.67 2.99 12.62
CA ALA A 14 -22.58 2.87 11.47
C ALA A 14 -22.05 1.93 10.39
N SER A 15 -20.73 1.80 10.31
CA SER A 15 -20.09 0.94 9.33
C SER A 15 -19.95 -0.50 9.84
N GLY A 16 -20.44 -0.78 11.05
CA GLY A 16 -20.37 -2.12 11.63
C GLY A 16 -19.01 -2.50 12.16
N LEU A 17 -18.19 -1.50 12.49
CA LEU A 17 -16.86 -1.71 13.07
C LEU A 17 -16.84 -1.42 14.56
N ASP A 18 -15.89 -2.03 15.28
CA ASP A 18 -15.70 -1.79 16.70
C ASP A 18 -14.56 -0.81 16.97
N ALA A 19 -13.69 -0.64 15.98
CA ALA A 19 -12.57 0.32 16.08
C ALA A 19 -12.03 0.56 14.67
N LEU A 21 -8.24 1.76 12.75
CA LEU A 21 -6.84 2.16 12.68
C LEU A 21 -6.69 3.20 11.59
N ILE A 22 -6.23 4.38 11.97
CA ILE A 22 -5.97 5.44 11.00
C ILE A 22 -4.47 5.53 10.71
N SER A 23 -4.12 5.37 9.43
CA SER A 23 -2.72 5.29 8.96
C SER A 23 -2.32 6.45 8.03
N ASP A 24 -3.30 7.09 7.39
CA ASP A 24 -3.07 8.23 6.47
C ASP A 24 -2.74 9.43 7.36
N LEU A 25 -1.57 10.02 7.18
CA LEU A 25 -1.12 11.11 8.04
C LEU A 25 -2.03 12.35 7.99
N ILE A 26 -2.68 12.60 6.85
CA ILE A 26 -3.67 13.67 6.76
C ILE A 26 -4.79 13.40 7.75
N ASN A 27 -5.24 12.15 7.81
CA ASN A 27 -6.32 11.81 8.72
C ASN A 27 -5.90 11.73 10.18
N VAL A 28 -4.68 11.29 10.42
CA VAL A 28 -4.14 11.27 11.77
C VAL A 28 -4.09 12.71 12.30
N ARG A 29 -3.56 13.61 11.48
N ARG A 29 -3.56 13.62 11.49
CA ARG A 29 -3.48 15.02 11.85
CA ARG A 29 -3.50 15.03 11.90
C ARG A 29 -4.87 15.61 12.12
C ARG A 29 -4.89 15.61 12.14
N TYR A 30 -5.83 15.31 11.25
CA TYR A 30 -7.21 15.81 11.39
C TYR A 30 -7.83 15.41 12.73
N LEU A 31 -7.60 14.16 13.12
CA LEU A 31 -8.20 13.60 14.31
C LEU A 31 -7.47 13.86 15.62
N SER A 32 -6.19 14.18 15.56
CA SER A 32 -5.37 14.23 16.77
C SER A 32 -4.59 15.52 16.94
N GLY A 33 -4.40 16.27 15.87
CA GLY A 33 -3.53 17.46 15.90
C GLY A 33 -2.04 17.13 15.75
N PHE A 34 -1.70 15.85 15.69
CA PHE A 34 -0.30 15.43 15.57
C PHE A 34 0.15 15.46 14.12
N SER A 35 1.26 16.14 13.86
CA SER A 35 1.74 16.43 12.49
C SER A 35 3.07 15.75 12.14
N GLY A 36 3.55 14.84 13.00
CA GLY A 36 4.77 14.10 12.71
C GLY A 36 4.65 13.21 11.49
N SER A 37 5.80 12.95 10.86
CA SER A 37 5.84 12.22 9.59
C SER A 37 5.63 10.73 9.74
N ASN A 38 5.64 10.23 10.98
CA ASN A 38 5.26 8.86 11.24
C ASN A 38 4.30 8.80 12.41
N GLY A 39 3.17 8.17 12.21
CA GLY A 39 2.15 8.15 13.24
C GLY A 39 0.95 7.34 12.82
N ALA A 40 0.25 6.80 13.80
CA ALA A 40 -1.00 6.10 13.54
C ALA A 40 -1.89 6.31 14.76
N LEU A 41 -3.17 6.13 14.56
CA LEU A 41 -4.15 6.44 15.59
C LEU A 41 -5.18 5.31 15.64
N LEU A 42 -5.49 4.84 16.84
CA LEU A 42 -6.56 3.84 17.04
C LEU A 42 -7.77 4.53 17.70
N VAL A 43 -8.94 4.47 17.06
CA VAL A 43 -10.14 5.06 17.63
C VAL A 43 -11.17 3.96 17.80
N PHE A 44 -11.76 3.87 19.01
CA PHE A 44 -12.77 2.86 19.33
C PHE A 44 -14.18 3.38 19.06
N ALA A 45 -15.10 2.47 18.75
CA ALA A 45 -16.49 2.87 18.52
C ALA A 45 -17.15 3.29 19.84
N ASP A 46 -16.76 2.64 20.92
CA ASP A 46 -17.41 2.88 22.22
C ASP A 46 -16.70 4.00 22.98
N GLU A 47 -16.89 4.09 24.29
CA GLU A 47 -16.40 5.22 25.06
C GLU A 47 -14.90 5.21 25.34
N ARG A 48 -14.19 4.14 24.94
CA ARG A 48 -12.74 4.07 25.18
C ARG A 48 -12.01 5.17 24.41
N ASP A 49 -10.98 5.73 25.02
CA ASP A 49 -10.23 6.81 24.42
C ASP A 49 -9.25 6.30 23.36
N ALA A 50 -8.95 7.19 22.43
CA ALA A 50 -8.07 6.89 21.31
C ALA A 50 -6.61 6.75 21.76
N VAL A 51 -5.83 6.01 20.98
CA VAL A 51 -4.41 5.81 21.28
C VAL A 51 -3.60 6.27 20.07
N LEU A 52 -2.64 7.17 20.29
CA LEU A 52 -1.71 7.61 19.25
C LEU A 52 -0.42 6.82 19.39
N ALA A 53 0.16 6.39 18.28
CA ALA A 53 1.47 5.78 18.26
C ALA A 53 2.38 6.52 17.28
N THR A 54 3.59 6.78 17.74
CA THR A 54 4.64 7.36 16.90
C THR A 54 5.98 6.82 17.33
N ASP A 55 7.05 7.23 16.69
CA ASP A 55 8.36 6.75 17.09
C ASP A 55 9.10 7.80 17.95
N GLY A 56 10.26 7.43 18.46
CA GLY A 56 11.00 8.25 19.42
C GLY A 56 11.38 9.66 18.95
N ARG A 57 11.47 9.86 17.64
CA ARG A 57 11.81 11.18 17.08
C ARG A 57 10.75 12.21 17.50
N TYR A 58 9.53 11.73 17.75
CA TYR A 58 8.37 12.58 17.94
C TYR A 58 7.75 12.56 19.33
N ARG A 59 8.47 12.01 20.31
CA ARG A 59 7.97 11.92 21.67
C ARG A 59 7.57 13.28 22.24
N THR A 60 8.44 14.26 22.12
N THR A 60 8.44 14.28 22.12
CA THR A 60 8.16 15.60 22.63
CA THR A 60 8.12 15.61 22.67
C THR A 60 7.00 16.26 21.86
C THR A 60 6.99 16.27 21.87
N GLN A 61 7.00 16.10 20.55
CA GLN A 61 5.98 16.72 19.70
C GLN A 61 4.60 16.13 19.95
N ALA A 62 4.52 14.82 20.10
CA ALA A 62 3.22 14.20 20.37
C ALA A 62 2.70 14.66 21.74
N ALA A 63 3.61 14.86 22.69
CA ALA A 63 3.21 15.31 24.01
C ALA A 63 2.60 16.71 23.98
N SER A 64 3.18 17.61 23.18
CA SER A 64 2.67 18.98 23.06
C SER A 64 1.48 19.11 22.14
N GLN A 65 1.45 18.34 21.04
CA GLN A 65 0.37 18.46 20.08
C GLN A 65 -0.87 17.67 20.46
N ALA A 66 -0.71 16.55 21.15
CA ALA A 66 -1.84 15.68 21.50
C ALA A 66 -1.81 15.28 22.97
N PRO A 67 -1.78 16.28 23.88
CA PRO A 67 -1.71 15.97 25.31
C PRO A 67 -2.94 15.24 25.85
N ASP A 68 -4.05 15.29 25.14
CA ASP A 68 -5.25 14.58 25.53
C ASP A 68 -5.22 13.07 25.24
N LEU A 69 -4.24 12.59 24.49
CA LEU A 69 -4.16 11.19 24.10
C LEU A 69 -3.05 10.44 24.78
N GLU A 70 -3.29 9.15 25.06
CA GLU A 70 -2.20 8.22 25.36
C GLU A 70 -1.33 8.10 24.11
N VAL A 71 -0.01 8.19 24.28
CA VAL A 71 0.92 8.07 23.17
C VAL A 71 1.85 6.91 23.46
N ALA A 72 1.87 5.94 22.55
CA ALA A 72 2.80 4.84 22.59
C ALA A 72 3.99 5.18 21.70
N ILE A 73 5.20 4.86 22.15
CA ILE A 73 6.39 5.11 21.35
C ILE A 73 6.92 3.76 20.86
N GLU A 74 6.79 3.54 19.54
CA GLU A 74 6.98 2.19 18.97
C GLU A 74 7.64 2.24 17.61
N ARG A 75 8.37 1.19 17.27
CA ARG A 75 9.06 1.11 15.97
C ARG A 75 8.08 0.97 14.80
N ALA A 76 7.03 0.16 14.99
CA ALA A 76 6.06 -0.15 13.94
C ALA A 76 4.67 0.26 14.43
N VAL A 77 4.26 1.47 14.10
CA VAL A 77 3.15 2.10 14.81
C VAL A 77 1.80 1.43 14.49
N GLY A 78 1.58 1.10 13.23
CA GLY A 78 0.32 0.47 12.81
C GLY A 78 0.18 -0.89 13.45
N ARG A 79 1.24 -1.68 13.33
CA ARG A 79 1.27 -3.00 13.91
C ARG A 79 1.02 -2.98 15.43
N TYR A 80 1.69 -2.06 16.13
CA TYR A 80 1.47 -1.90 17.54
C TYR A 80 0.01 -1.67 17.88
N LEU A 81 -0.62 -0.74 17.14
CA LEU A 81 -2.01 -0.41 17.40
C LEU A 81 -2.99 -1.53 17.04
N ALA A 82 -2.73 -2.26 15.97
CA ALA A 82 -3.54 -3.44 15.67
C ALA A 82 -3.42 -4.44 16.83
N GLY A 83 -2.23 -4.63 17.38
CA GLY A 83 -2.06 -5.53 18.51
C GLY A 83 -2.83 -5.06 19.73
N ARG A 84 -2.83 -3.76 20.00
CA ARG A 84 -3.64 -3.17 21.06
C ARG A 84 -5.12 -3.43 20.84
N ALA A 85 -5.58 -3.29 19.60
CA ALA A 85 -6.98 -3.53 19.26
C ALA A 85 -7.34 -4.99 19.57
N GLY A 86 -6.46 -5.92 19.24
CA GLY A 86 -6.75 -7.35 19.48
C GLY A 86 -6.85 -7.66 20.97
N GLU A 87 -5.94 -7.07 21.74
CA GLU A 87 -5.91 -7.21 23.21
C GLU A 87 -7.13 -6.55 23.86
N ALA A 88 -7.65 -5.49 23.24
CA ALA A 88 -8.89 -4.85 23.70
C ALA A 88 -10.19 -5.55 23.25
N GLY A 89 -10.10 -6.71 22.61
CA GLY A 89 -11.27 -7.48 22.21
C GLY A 89 -12.08 -6.92 21.06
N VAL A 90 -11.45 -6.12 20.21
CA VAL A 90 -12.10 -5.53 19.05
C VAL A 90 -12.46 -6.62 18.04
N GLY A 91 -13.74 -6.75 17.70
CA GLY A 91 -14.17 -7.77 16.75
C GLY A 91 -13.83 -7.45 15.29
N LYS A 92 -14.18 -6.23 14.89
CA LYS A 92 -13.90 -5.76 13.56
C LYS A 92 -13.12 -4.44 13.61
N LEU A 93 -11.91 -4.48 13.05
CA LEU A 93 -10.98 -3.33 13.07
C LEU A 93 -10.87 -2.81 11.65
N GLY A 94 -11.34 -1.58 11.43
CA GLY A 94 -11.19 -0.94 10.14
C GLY A 94 -9.75 -0.52 9.93
N PHE A 95 -9.30 -0.56 8.68
CA PHE A 95 -7.98 -0.02 8.32
C PHE A 95 -8.08 0.67 6.98
N GLU A 96 -7.08 1.50 6.69
CA GLU A 96 -7.11 2.31 5.48
C GLU A 96 -6.36 1.62 4.34
N SER A 97 -7.11 0.86 3.57
CA SER A 97 -6.55 0.11 2.46
C SER A 97 -5.96 0.98 1.35
N HIS A 98 -6.28 2.28 1.32
CA HIS A 98 -5.70 3.18 0.34
C HIS A 98 -4.25 3.58 0.64
N VAL A 99 -3.79 3.28 1.86
N VAL A 99 -3.80 3.32 1.87
CA VAL A 99 -2.43 3.62 2.23
CA VAL A 99 -2.42 3.63 2.27
C VAL A 99 -1.63 2.45 2.84
C VAL A 99 -1.63 2.43 2.82
N VAL A 100 -2.28 1.52 3.54
CA VAL A 100 -1.57 0.37 4.10
C VAL A 100 -1.07 -0.53 2.94
N THR A 101 0.20 -0.92 3.00
CA THR A 101 0.78 -1.77 1.95
C THR A 101 0.42 -3.23 2.16
N VAL A 102 0.67 -4.07 1.17
CA VAL A 102 0.40 -5.49 1.31
C VAL A 102 1.28 -6.09 2.43
N ASP A 103 2.57 -5.75 2.43
CA ASP A 103 3.44 -6.16 3.53
C ASP A 103 2.93 -5.60 4.87
N GLY A 104 2.45 -4.37 4.87
CA GLY A 104 1.95 -3.75 6.07
C GLY A 104 0.72 -4.46 6.63
N LEU A 105 -0.19 -4.86 5.75
CA LEU A 105 -1.37 -5.62 6.17
C LEU A 105 -0.96 -6.97 6.77
N ASP A 106 0.00 -7.65 6.15
CA ASP A 106 0.52 -8.92 6.71
C ASP A 106 1.03 -8.69 8.15
N ALA A 107 1.68 -7.56 8.40
CA ALA A 107 2.15 -7.25 9.77
C ALA A 107 1.01 -7.02 10.74
N LEU A 108 0.00 -6.25 10.31
CA LEU A 108 -1.21 -6.02 11.13
C LEU A 108 -1.83 -7.36 11.48
N ALA A 109 -1.97 -8.23 10.48
CA ALA A 109 -2.60 -9.54 10.67
C ALA A 109 -1.79 -10.39 11.65
N GLY A 110 -0.47 -10.31 11.54
CA GLY A 110 0.43 -11.02 12.45
C GLY A 110 0.26 -10.59 13.89
N ALA A 111 0.03 -9.30 14.11
CA ALA A 111 -0.18 -8.78 15.45
C ALA A 111 -1.49 -9.26 16.05
N LEU A 112 -2.40 -9.77 15.22
CA LEU A 112 -3.70 -10.22 15.65
C LEU A 112 -3.81 -11.75 15.67
N GLU A 113 -2.71 -12.47 15.44
CA GLU A 113 -2.81 -13.92 15.41
C GLU A 113 -3.31 -14.47 16.74
N GLY A 114 -4.33 -15.33 16.66
CA GLY A 114 -4.91 -15.94 17.86
C GLY A 114 -5.93 -15.07 18.54
N LYS A 115 -6.25 -13.92 17.95
CA LYS A 115 -7.28 -13.03 18.46
C LYS A 115 -8.42 -13.11 17.48
N ASN A 116 -9.64 -12.85 17.94
CA ASN A 116 -10.77 -12.91 17.04
C ASN A 116 -11.09 -11.48 16.60
N THR A 117 -10.13 -10.91 15.89
CA THR A 117 -10.24 -9.57 15.33
C THR A 117 -10.08 -9.68 13.84
N GLU A 118 -11.07 -9.21 13.08
CA GLU A 118 -11.03 -9.21 11.63
C GLU A 118 -10.62 -7.81 11.14
N LEU A 119 -9.69 -7.75 10.20
CA LEU A 119 -9.29 -6.50 9.58
C LEU A 119 -10.22 -6.21 8.43
N VAL A 120 -10.86 -5.05 8.45
CA VAL A 120 -11.87 -4.70 7.47
C VAL A 120 -11.50 -3.42 6.72
N ARG A 121 -11.50 -3.47 5.39
CA ARG A 121 -11.24 -2.28 4.60
C ARG A 121 -12.23 -1.16 4.97
N ALA A 122 -11.68 0.02 5.28
CA ALA A 122 -12.47 1.15 5.75
C ALA A 122 -11.99 2.50 5.22
N SER A 123 -11.33 2.52 4.07
CA SER A 123 -10.90 3.81 3.51
C SER A 123 -12.12 4.65 3.16
N GLY A 124 -12.08 5.91 3.56
CA GLY A 124 -13.17 6.84 3.33
C GLY A 124 -13.92 7.22 4.58
N THR A 125 -13.70 6.49 5.66
CA THR A 125 -14.44 6.71 6.87
C THR A 125 -14.12 8.08 7.46
N VAL A 126 -12.84 8.43 7.51
CA VAL A 126 -12.47 9.73 8.05
C VAL A 126 -12.88 10.86 7.10
N GLU A 127 -12.69 10.64 5.80
CA GLU A 127 -13.06 11.60 4.77
C GLU A 127 -14.53 11.96 4.86
N SER A 128 -15.37 10.99 5.25
CA SER A 128 -16.81 11.21 5.34
C SER A 128 -17.19 12.34 6.31
N LEU A 129 -16.26 12.71 7.18
CA LEU A 129 -16.49 13.77 8.16
C LEU A 129 -16.26 15.19 7.62
N ARG A 130 -15.56 15.31 6.50
N ARG A 130 -15.53 15.32 6.51
CA ARG A 130 -15.23 16.62 5.94
CA ARG A 130 -15.22 16.63 5.93
C ARG A 130 -16.41 17.20 5.14
C ARG A 130 -16.40 17.21 5.15
N GLU A 131 -16.21 18.40 4.58
CA GLU A 131 -17.29 19.12 3.89
C GLU A 131 -17.64 18.54 2.53
N SER B 1 17.56 -5.67 -24.54
CA SER B 1 18.51 -6.00 -23.45
C SER B 1 18.82 -4.76 -22.61
N ASN B 2 18.84 -4.95 -21.30
CA ASN B 2 19.25 -3.93 -20.38
C ASN B 2 20.00 -4.71 -19.26
N ALA B 3 21.18 -4.25 -18.83
CA ALA B 3 21.93 -4.95 -17.77
C ALA B 3 21.11 -5.00 -16.48
N ARG B 4 20.38 -3.93 -16.19
CA ARG B 4 19.59 -3.86 -14.96
C ARG B 4 18.38 -4.80 -15.01
N ARG B 5 17.67 -4.79 -16.13
CA ARG B 5 16.54 -5.69 -16.30
C ARG B 5 17.00 -7.13 -16.39
N ASP B 6 18.18 -7.36 -16.98
CA ASP B 6 18.73 -8.71 -17.02
C ASP B 6 18.98 -9.26 -15.61
N LYS B 7 19.49 -8.44 -14.70
CA LYS B 7 19.67 -8.89 -13.32
C LYS B 7 18.32 -9.20 -12.69
N LEU B 8 17.33 -8.36 -12.98
CA LEU B 8 15.99 -8.59 -12.45
C LEU B 8 15.40 -9.89 -13.01
N LYS B 9 15.56 -10.13 -14.31
CA LYS B 9 15.06 -11.37 -14.91
C LYS B 9 15.64 -12.60 -14.22
N ALA B 10 16.94 -12.57 -13.91
CA ALA B 10 17.59 -13.70 -13.22
C ALA B 10 16.98 -13.90 -11.83
N GLN B 11 16.75 -12.80 -11.11
CA GLN B 11 16.15 -12.87 -9.79
C GLN B 11 14.69 -13.33 -9.83
N ILE B 12 13.93 -12.84 -10.81
CA ILE B 12 12.52 -13.24 -11.01
C ILE B 12 12.47 -14.77 -11.13
N ALA B 13 13.31 -15.30 -12.00
CA ALA B 13 13.37 -16.75 -12.24
C ALA B 13 13.81 -17.51 -10.99
N ALA B 14 14.81 -17.00 -10.28
CA ALA B 14 15.28 -17.62 -9.03
C ALA B 14 14.19 -17.65 -7.95
N SER B 15 13.30 -16.66 -7.97
CA SER B 15 12.19 -16.61 -7.02
C SER B 15 10.99 -17.41 -7.48
N GLY B 16 11.09 -18.09 -8.61
CA GLY B 16 10.00 -18.94 -9.10
C GLY B 16 8.87 -18.18 -9.77
N LEU B 17 9.16 -16.99 -10.29
CA LEU B 17 8.14 -16.15 -10.92
C LEU B 17 8.31 -16.19 -12.44
N ASP B 18 7.22 -16.01 -13.16
CA ASP B 18 7.27 -15.89 -14.62
C ASP B 18 7.37 -14.44 -15.11
N ALA B 19 7.02 -13.50 -14.25
CA ALA B 19 7.11 -12.06 -14.56
C ALA B 19 6.95 -11.28 -13.27
N LEU B 21 5.60 -7.23 -11.97
CA LEU B 21 5.07 -5.90 -12.16
C LEU B 21 5.82 -4.95 -11.25
N ILE B 22 6.38 -3.90 -11.84
CA ILE B 22 7.05 -2.86 -11.11
C ILE B 22 6.15 -1.62 -11.10
N SER B 23 5.77 -1.22 -9.88
CA SER B 23 4.81 -0.14 -9.62
C SER B 23 5.49 1.12 -9.04
N ASP B 24 6.63 0.92 -8.41
CA ASP B 24 7.35 2.01 -7.72
C ASP B 24 8.03 2.88 -8.75
N LEU B 25 7.81 4.20 -8.71
CA LEU B 25 8.30 5.07 -9.77
C LEU B 25 9.82 5.14 -9.82
N ILE B 26 10.48 5.17 -8.66
CA ILE B 26 11.93 5.15 -8.65
C ILE B 26 12.47 3.86 -9.32
N ASN B 27 11.83 2.73 -9.07
CA ASN B 27 12.27 1.48 -9.69
C ASN B 27 11.97 1.39 -11.17
N VAL B 28 10.84 1.94 -11.59
CA VAL B 28 10.51 2.02 -13.01
C VAL B 28 11.58 2.84 -13.73
N ARG B 29 11.95 3.97 -13.14
CA ARG B 29 12.99 4.80 -13.73
C ARG B 29 14.34 4.08 -13.82
N TYR B 30 14.73 3.44 -12.72
CA TYR B 30 15.96 2.67 -12.71
C TYR B 30 16.01 1.64 -13.83
N LEU B 31 14.90 0.93 -14.03
CA LEU B 31 14.89 -0.19 -14.96
C LEU B 31 14.64 0.18 -16.41
N SER B 32 14.07 1.36 -16.66
CA SER B 32 13.64 1.75 -18.04
C SER B 32 14.17 3.07 -18.55
N GLY B 33 14.55 3.95 -17.63
CA GLY B 33 14.88 5.35 -17.98
C GLY B 33 13.72 6.31 -17.93
N PHE B 34 12.49 5.80 -17.83
CA PHE B 34 11.29 6.65 -17.83
C PHE B 34 11.08 7.28 -16.46
N SER B 35 10.99 8.60 -16.42
CA SER B 35 10.88 9.33 -15.16
C SER B 35 9.56 10.06 -14.92
N GLY B 36 8.51 9.72 -15.65
CA GLY B 36 7.22 10.39 -15.52
C GLY B 36 6.54 10.03 -14.20
N SER B 37 5.54 10.82 -13.83
CA SER B 37 4.91 10.70 -12.51
C SER B 37 3.91 9.56 -12.41
N ASN B 38 3.57 8.96 -13.55
CA ASN B 38 2.67 7.80 -13.56
C ASN B 38 3.25 6.80 -14.53
N GLY B 39 3.45 5.59 -14.07
CA GLY B 39 3.98 4.56 -14.93
C GLY B 39 4.16 3.24 -14.21
N ALA B 40 4.20 2.18 -14.99
CA ALA B 40 4.49 0.86 -14.45
C ALA B 40 5.18 0.05 -15.53
N LEU B 41 5.89 -1.00 -15.10
CA LEU B 41 6.69 -1.80 -16.01
C LEU B 41 6.44 -3.28 -15.75
N LEU B 42 6.20 -4.04 -16.82
CA LEU B 42 6.06 -5.50 -16.72
C LEU B 42 7.31 -6.13 -17.30
N VAL B 43 8.00 -6.91 -16.46
CA VAL B 43 9.23 -7.58 -16.87
C VAL B 43 9.04 -9.09 -16.81
N PHE B 44 9.37 -9.75 -17.90
CA PHE B 44 9.24 -11.22 -18.00
C PHE B 44 10.54 -11.92 -17.63
N ALA B 45 10.41 -13.12 -17.07
CA ALA B 45 11.57 -13.96 -16.77
C ALA B 45 12.24 -14.47 -18.04
N ASP B 46 11.46 -14.72 -19.09
CA ASP B 46 11.98 -15.31 -20.32
C ASP B 46 12.48 -14.22 -21.27
N GLU B 47 12.65 -14.54 -22.55
N GLU B 47 12.62 -14.56 -22.55
CA GLU B 47 13.28 -13.61 -23.49
CA GLU B 47 13.24 -13.67 -23.52
C GLU B 47 12.34 -12.48 -23.95
C GLU B 47 12.33 -12.50 -23.95
N ARG B 48 11.06 -12.55 -23.58
CA ARG B 48 10.10 -11.48 -23.93
C ARG B 48 10.56 -10.13 -23.38
N ASP B 49 10.39 -9.08 -24.19
CA ASP B 49 10.81 -7.71 -23.82
C ASP B 49 9.84 -7.12 -22.80
N ALA B 50 10.33 -6.19 -21.99
CA ALA B 50 9.50 -5.53 -21.00
C ALA B 50 8.48 -4.62 -21.66
N VAL B 51 7.39 -4.33 -20.96
CA VAL B 51 6.34 -3.45 -21.43
C VAL B 51 6.15 -2.33 -20.42
N LEU B 52 6.25 -1.10 -20.90
CA LEU B 52 6.00 0.09 -20.10
C LEU B 52 4.58 0.57 -20.36
N ALA B 53 3.90 0.97 -19.29
CA ALA B 53 2.57 1.55 -19.38
C ALA B 53 2.58 2.91 -18.70
N THR B 54 1.99 3.90 -19.37
CA THR B 54 1.86 5.25 -18.81
C THR B 54 0.64 5.90 -19.41
N ASP B 55 0.25 7.05 -18.86
CA ASP B 55 -0.91 7.74 -19.41
C ASP B 55 -0.50 8.69 -20.54
N GLY B 56 -1.52 9.21 -21.21
CA GLY B 56 -1.34 10.03 -22.40
C GLY B 56 -0.46 11.27 -22.26
N ARG B 57 -0.34 11.81 -21.06
CA ARG B 57 0.57 12.96 -20.79
C ARG B 57 1.99 12.64 -21.21
N TYR B 58 2.35 11.36 -21.10
CA TYR B 58 3.76 10.94 -21.20
C TYR B 58 4.09 10.16 -22.46
N ARG B 59 3.25 10.20 -23.49
CA ARG B 59 3.53 9.50 -24.73
C ARG B 59 4.88 9.93 -25.32
N THR B 60 5.09 11.23 -25.43
CA THR B 60 6.32 11.77 -26.00
C THR B 60 7.51 11.46 -25.10
N GLN B 61 7.36 11.71 -23.82
CA GLN B 61 8.44 11.50 -22.87
C GLN B 61 8.90 10.04 -22.86
N ALA B 62 7.94 9.12 -22.78
CA ALA B 62 8.28 7.70 -22.73
C ALA B 62 8.98 7.21 -24.00
N ALA B 63 8.51 7.66 -25.16
CA ALA B 63 9.10 7.26 -26.41
C ALA B 63 10.56 7.71 -26.47
N SER B 64 10.87 8.89 -25.92
CA SER B 64 12.23 9.41 -25.96
C SER B 64 13.12 8.81 -24.87
N GLN B 65 12.59 8.66 -23.68
CA GLN B 65 13.39 8.19 -22.55
C GLN B 65 13.64 6.72 -22.58
N ALA B 66 12.65 5.95 -23.05
CA ALA B 66 12.74 4.49 -23.14
C ALA B 66 12.44 3.99 -24.54
N PRO B 67 13.30 4.33 -25.51
CA PRO B 67 12.96 4.05 -26.91
C PRO B 67 12.97 2.57 -27.27
N ASP B 68 13.61 1.76 -26.44
CA ASP B 68 13.67 0.34 -26.66
C ASP B 68 12.43 -0.44 -26.26
N LEU B 69 11.49 0.22 -25.57
CA LEU B 69 10.29 -0.45 -25.05
C LEU B 69 8.99 -0.19 -25.80
N GLU B 70 8.17 -1.22 -25.85
CA GLU B 70 6.77 -1.03 -26.15
C GLU B 70 6.19 -0.20 -25.02
N VAL B 71 5.49 0.87 -25.39
CA VAL B 71 4.81 1.73 -24.42
C VAL B 71 3.30 1.70 -24.67
N ALA B 72 2.56 1.19 -23.70
CA ALA B 72 1.09 1.16 -23.74
C ALA B 72 0.56 2.41 -23.06
N ILE B 73 -0.37 3.10 -23.71
CA ILE B 73 -0.92 4.34 -23.17
C ILE B 73 -2.27 4.03 -22.56
N GLU B 74 -2.31 4.08 -21.23
CA GLU B 74 -3.45 3.61 -20.44
C GLU B 74 -3.64 4.44 -19.18
N ARG B 75 -4.90 4.68 -18.83
N ARG B 75 -4.88 4.70 -18.79
CA ARG B 75 -5.27 5.46 -17.64
CA ARG B 75 -5.11 5.55 -17.61
C ARG B 75 -4.83 4.77 -16.35
C ARG B 75 -4.95 4.79 -16.28
N ALA B 76 -5.03 3.46 -16.31
CA ALA B 76 -4.84 2.65 -15.10
C ALA B 76 -3.72 1.64 -15.37
N VAL B 77 -2.48 2.05 -15.09
CA VAL B 77 -1.34 1.30 -15.60
C VAL B 77 -1.14 -0.07 -14.96
N GLY B 78 -1.43 -0.18 -13.67
CA GLY B 78 -1.29 -1.44 -12.93
C GLY B 78 -2.25 -2.49 -13.43
N ARG B 79 -3.54 -2.13 -13.49
CA ARG B 79 -4.61 -2.99 -14.01
C ARG B 79 -4.28 -3.47 -15.41
N TYR B 80 -3.82 -2.53 -16.25
CA TYR B 80 -3.52 -2.86 -17.61
C TYR B 80 -2.43 -3.94 -17.70
N LEU B 81 -1.32 -3.71 -17.03
CA LEU B 81 -0.20 -4.63 -17.10
C LEU B 81 -0.51 -5.99 -16.47
N ALA B 82 -1.27 -5.99 -15.39
CA ALA B 82 -1.68 -7.26 -14.79
C ALA B 82 -2.51 -8.04 -15.80
N GLY B 83 -3.44 -7.36 -16.46
CA GLY B 83 -4.31 -7.99 -17.47
C GLY B 83 -3.46 -8.53 -18.60
N ARG B 84 -2.48 -7.74 -19.00
CA ARG B 84 -1.55 -8.12 -20.03
C ARG B 84 -0.76 -9.38 -19.67
N ALA B 85 -0.29 -9.46 -18.43
CA ALA B 85 0.39 -10.66 -17.95
C ALA B 85 -0.52 -11.87 -18.03
N GLY B 86 -1.77 -11.70 -17.65
CA GLY B 86 -2.79 -12.74 -17.74
C GLY B 86 -2.96 -13.26 -19.15
N GLU B 87 -3.02 -12.32 -20.10
CA GLU B 87 -3.18 -12.66 -21.53
C GLU B 87 -1.91 -13.32 -22.11
N ALA B 88 -0.76 -13.04 -21.50
CA ALA B 88 0.51 -13.62 -21.92
C ALA B 88 0.77 -14.97 -21.27
N GLY B 89 -0.21 -15.49 -20.54
CA GLY B 89 -0.14 -16.81 -19.93
C GLY B 89 0.75 -16.91 -18.71
N VAL B 90 1.07 -15.77 -18.10
CA VAL B 90 1.96 -15.74 -16.94
C VAL B 90 1.36 -16.52 -15.77
N GLY B 91 2.09 -17.54 -15.30
CA GLY B 91 1.63 -18.36 -14.18
C GLY B 91 1.68 -17.67 -12.84
N LYS B 92 2.82 -17.07 -12.55
CA LYS B 92 3.06 -16.38 -11.28
C LYS B 92 3.63 -15.00 -11.59
N LEU B 93 2.88 -13.97 -11.18
CA LEU B 93 3.25 -12.58 -11.41
C LEU B 93 3.62 -11.97 -10.07
N GLY B 94 4.88 -11.56 -9.93
CA GLY B 94 5.32 -10.90 -8.73
C GLY B 94 4.82 -9.46 -8.72
N PHE B 95 4.65 -8.91 -7.53
CA PHE B 95 4.32 -7.50 -7.39
C PHE B 95 5.05 -6.94 -6.18
N GLU B 96 5.23 -5.63 -6.16
CA GLU B 96 6.07 -4.99 -5.13
C GLU B 96 5.25 -4.76 -3.87
N SER B 97 5.16 -5.79 -3.04
CA SER B 97 4.27 -5.79 -1.91
C SER B 97 4.72 -4.82 -0.79
N HIS B 98 5.94 -4.33 -0.86
CA HIS B 98 6.41 -3.30 0.05
C HIS B 98 5.88 -1.90 -0.27
N VAL B 99 5.36 -1.68 -1.49
CA VAL B 99 4.78 -0.39 -1.81
C VAL B 99 3.33 -0.45 -2.33
N VAL B 100 2.95 -1.54 -2.98
CA VAL B 100 1.59 -1.67 -3.47
C VAL B 100 0.63 -1.68 -2.28
N THR B 101 -0.42 -0.88 -2.36
CA THR B 101 -1.38 -0.81 -1.26
C THR B 101 -2.37 -1.97 -1.34
N VAL B 102 -3.11 -2.18 -0.26
CA VAL B 102 -4.17 -3.20 -0.28
C VAL B 102 -5.18 -2.89 -1.40
N ASP B 103 -5.60 -1.64 -1.52
CA ASP B 103 -6.39 -1.21 -2.69
C ASP B 103 -5.73 -1.55 -4.04
N GLY B 104 -4.44 -1.28 -4.13
CA GLY B 104 -3.69 -1.57 -5.33
C GLY B 104 -3.74 -3.05 -5.68
N LEU B 105 -3.59 -3.91 -4.68
CA LEU B 105 -3.61 -5.35 -4.91
C LEU B 105 -5.00 -5.80 -5.35
N ASP B 106 -6.02 -5.24 -4.72
CA ASP B 106 -7.42 -5.51 -5.10
C ASP B 106 -7.61 -5.22 -6.58
N ALA B 107 -7.01 -4.12 -7.07
CA ALA B 107 -7.13 -3.72 -8.48
C ALA B 107 -6.44 -4.74 -9.37
N LEU B 108 -5.23 -5.18 -8.98
CA LEU B 108 -4.50 -6.17 -9.76
C LEU B 108 -5.26 -7.50 -9.81
N ALA B 109 -5.76 -7.92 -8.66
CA ALA B 109 -6.51 -9.16 -8.59
C ALA B 109 -7.79 -9.08 -9.45
N GLY B 110 -8.45 -7.94 -9.42
CA GLY B 110 -9.62 -7.69 -10.27
C GLY B 110 -9.32 -7.81 -11.75
N ALA B 111 -8.14 -7.37 -12.15
CA ALA B 111 -7.72 -7.42 -13.53
C ALA B 111 -7.45 -8.87 -13.99
N LEU B 112 -7.25 -9.75 -13.03
CA LEU B 112 -6.91 -11.13 -13.29
C LEU B 112 -8.04 -12.08 -12.94
N GLU B 113 -9.22 -11.54 -12.63
CA GLU B 113 -10.35 -12.38 -12.23
C GLU B 113 -10.74 -13.28 -13.40
N GLY B 114 -10.88 -14.56 -13.12
CA GLY B 114 -11.16 -15.55 -14.17
C GLY B 114 -9.96 -15.98 -15.01
N LYS B 115 -8.76 -15.58 -14.59
CA LYS B 115 -7.52 -15.97 -15.26
C LYS B 115 -6.67 -16.84 -14.32
N ASN B 116 -5.73 -17.59 -14.87
N ASN B 116 -5.77 -17.61 -14.91
CA ASN B 116 -4.96 -18.54 -14.07
CA ASN B 116 -4.92 -18.53 -14.17
C ASN B 116 -3.72 -18.00 -13.36
C ASN B 116 -3.54 -17.95 -13.93
N THR B 117 -3.50 -16.69 -13.49
CA THR B 117 -2.28 -16.07 -13.03
C THR B 117 -2.39 -15.80 -11.53
N GLU B 118 -1.41 -16.27 -10.76
CA GLU B 118 -1.31 -16.00 -9.33
C GLU B 118 -0.47 -14.73 -9.10
N LEU B 119 -0.96 -13.86 -8.24
CA LEU B 119 -0.21 -12.69 -7.77
C LEU B 119 0.59 -13.11 -6.56
N VAL B 120 1.91 -12.90 -6.64
CA VAL B 120 2.84 -13.35 -5.60
C VAL B 120 3.62 -12.17 -5.03
N ARG B 121 3.63 -12.03 -3.72
CA ARG B 121 4.43 -10.98 -3.09
C ARG B 121 5.88 -11.10 -3.48
N ALA B 122 6.50 -9.97 -3.83
CA ALA B 122 7.90 -9.93 -4.20
C ALA B 122 8.53 -8.70 -3.56
N SER B 123 8.42 -8.63 -2.25
CA SER B 123 8.90 -7.51 -1.45
C SER B 123 10.38 -7.18 -1.67
N GLY B 124 10.69 -5.94 -2.05
CA GLY B 124 12.07 -5.46 -2.10
C GLY B 124 12.94 -6.09 -3.16
N THR B 125 12.31 -6.62 -4.21
CA THR B 125 13.09 -7.35 -5.20
C THR B 125 14.02 -6.47 -6.03
N VAL B 126 13.52 -5.37 -6.58
CA VAL B 126 14.41 -4.50 -7.38
C VAL B 126 15.56 -3.95 -6.52
N GLU B 127 15.23 -3.67 -5.26
CA GLU B 127 16.19 -3.08 -4.33
C GLU B 127 17.27 -4.12 -3.97
N SER B 128 16.97 -5.40 -4.11
CA SER B 128 17.94 -6.49 -3.82
C SER B 128 19.01 -6.68 -4.90
N LEU B 129 18.91 -5.93 -5.99
CA LEU B 129 19.81 -6.07 -7.13
C LEU B 129 21.01 -5.12 -7.05
N ARG B 130 21.00 -4.19 -6.10
CA ARG B 130 21.99 -3.09 -6.05
C ARG B 130 23.14 -3.35 -5.08
#